data_8CO5
#
_entry.id   8CO5
#
_cell.length_a   172.477
_cell.length_b   172.477
_cell.length_c   78.820
_cell.angle_alpha   90.00
_cell.angle_beta   90.00
_cell.angle_gamma   90.00
#
_symmetry.space_group_name_H-M   'I 4 2 2'
#
loop_
_entity.id
_entity.type
_entity.pdbx_description
1 polymer 'Bacteriophytochrome protein'
2 non-polymer '3-[5-[(4-ethenyl-3-methyl-5-oxidanylidene-pyrrol-2-yl)methyl]-2-[[5-[(3-ethyl-4-methyl-5-oxidanylidene-pyrrol-2-yl)methyl]-3-(3-hydroxy-3-oxopropyl)-4-methyl-1~{H}-pyrrol-2-yl]methyl]-4-methyl-1~{H}-pyrrol-3-yl]propanoic acid'
3 non-polymer 'MAGNESIUM ION'
4 water water
#
_entity_poly.entity_id   1
_entity_poly.type   'polypeptide(L)'
_entity_poly.pdbx_seq_one_letter_code
;MSSHTPKLDSCGAEPIHIPGAIQEHGALLVLSAREFSVVQASDNLANYIGVDLPIGAVATEANLPFISVLSAWYSGAASN
FRYAWAEKKLDVSAHRSGTLVILEVEKAGVGESAEKLMGELTSLAKYLNSAPSLEDALFRTAQLVSSISGHDRTLIYDFG
LDWSGHVVAEAGSGALPSYLGLRFPAGDIPPQARQLYTINRLRMIPDVDYKPVPIRPEVNAETGAVLDMSFSQLRSVSPV
HLEYMRNMGTAASMSVSIVVNGALWGLIACHHATPHSVSLAVREACDFAAQLLSMRIAMEQSSQDASRRVELGHIQARLL
KGMAAAAAWVDGLLGGEGEREDLLKQVGADGAALVLGDDYELVGNTPSREQVEELILWLGEREIADVFATDNLAGNYPTA
AAYASVASGIIAMRVSELHGSWLIWFRPEVIKTVRWGGDPHKTVQESGRIHPRKSFEIWKEQLRNTSFPWSEPELAAARE
LRGAIIGIVLRKTEELEHHHHHH
;
_entity_poly.pdbx_strand_id   A
#
loop_
_chem_comp.id
_chem_comp.type
_chem_comp.name
_chem_comp.formula
MG non-polymer 'MAGNESIUM ION' 'Mg 2'
V8U non-polymer '3-[5-[(4-ethenyl-3-methyl-5-oxidanylidene-pyrrol-2-yl)methyl]-2-[[5-[(3-ethyl-4-methyl-5-oxidanylidene-pyrrol-2-yl)methyl]-3-(3-hydroxy-3-oxopropyl)-4-methyl-1~{H}-pyrrol-2-yl]methyl]-4-methyl-1~{H}-pyrrol-3-yl]propanoic acid' 'C33 H38 N4 O6'
#
# COMPACT_ATOMS: atom_id res chain seq x y z
N ASP A 9 -7.90 15.11 -5.45
CA ASP A 9 -8.21 14.19 -6.58
C ASP A 9 -9.70 14.31 -6.92
N SER A 10 -10.02 14.64 -8.17
CA SER A 10 -11.41 14.76 -8.71
C SER A 10 -11.96 13.37 -9.04
N CYS A 11 -11.08 12.46 -9.50
CA CYS A 11 -11.38 11.02 -9.73
C CYS A 11 -11.65 10.32 -8.39
N GLY A 12 -11.19 10.92 -7.29
CA GLY A 12 -11.31 10.36 -5.92
C GLY A 12 -12.66 10.65 -5.29
N ALA A 13 -13.59 11.25 -6.06
CA ALA A 13 -14.94 11.65 -5.61
C ALA A 13 -15.99 10.64 -6.07
N GLU A 14 -15.74 9.92 -7.17
CA GLU A 14 -16.67 8.91 -7.74
C GLU A 14 -16.96 7.84 -6.70
N PRO A 15 -18.25 7.57 -6.40
CA PRO A 15 -18.61 6.52 -5.43
C PRO A 15 -18.62 5.13 -6.08
N ILE A 16 -17.47 4.45 -6.03
CA ILE A 16 -17.23 3.16 -6.75
C ILE A 16 -17.91 2.01 -5.99
N HIS A 17 -18.38 2.26 -4.76
CA HIS A 17 -18.93 1.22 -3.83
C HIS A 17 -20.45 1.13 -3.95
N ILE A 18 -21.07 1.92 -4.83
CA ILE A 18 -22.55 1.94 -5.03
C ILE A 18 -22.87 2.10 -6.51
N PRO A 19 -22.36 1.21 -7.39
CA PRO A 19 -22.67 1.28 -8.83
C PRO A 19 -24.09 0.79 -9.15
N GLY A 20 -24.72 0.05 -8.22
CA GLY A 20 -26.06 -0.53 -8.38
C GLY A 20 -26.12 -1.51 -9.54
N ALA A 21 -25.02 -2.24 -9.76
CA ALA A 21 -24.84 -3.20 -10.87
C ALA A 21 -23.64 -4.12 -10.57
N ILE A 22 -23.65 -5.32 -11.15
CA ILE A 22 -22.58 -6.36 -10.95
C ILE A 22 -21.98 -6.72 -12.31
N GLN A 23 -20.97 -7.60 -12.31
CA GLN A 23 -20.33 -8.18 -13.52
C GLN A 23 -21.15 -9.40 -13.97
N GLU A 24 -20.81 -9.98 -15.12
CA GLU A 24 -21.64 -11.00 -15.82
C GLU A 24 -21.42 -12.40 -15.22
N HIS A 25 -20.26 -12.65 -14.61
CA HIS A 25 -19.77 -13.99 -14.23
C HIS A 25 -20.45 -14.49 -12.94
N GLY A 26 -21.50 -13.81 -12.48
CA GLY A 26 -22.26 -14.20 -11.27
C GLY A 26 -23.56 -13.43 -11.14
N ALA A 27 -24.36 -13.77 -10.12
CA ALA A 27 -25.63 -13.11 -9.76
C ALA A 27 -25.64 -12.73 -8.28
N LEU A 28 -26.44 -11.74 -7.90
CA LEU A 28 -26.50 -11.17 -6.52
C LEU A 28 -27.94 -11.18 -6.02
N LEU A 29 -28.14 -11.53 -4.74
CA LEU A 29 -29.46 -11.57 -4.04
C LEU A 29 -29.31 -10.87 -2.69
N VAL A 30 -30.21 -9.93 -2.38
CA VAL A 30 -30.23 -9.19 -1.08
C VAL A 30 -31.42 -9.70 -0.25
N LEU A 31 -31.15 -10.29 0.91
CA LEU A 31 -32.16 -10.84 1.85
C LEU A 31 -32.23 -9.97 3.11
N SER A 32 -33.44 -9.81 3.66
CA SER A 32 -33.70 -9.18 4.98
C SER A 32 -33.42 -10.20 6.09
N ALA A 33 -32.55 -9.85 7.04
CA ALA A 33 -32.04 -10.72 8.13
C ALA A 33 -33.22 -11.42 8.84
N ARG A 34 -34.26 -10.66 9.18
CA ARG A 34 -35.42 -11.13 9.97
C ARG A 34 -36.11 -12.29 9.25
N GLU A 35 -36.76 -12.00 8.11
CA GLU A 35 -37.66 -12.92 7.39
C GLU A 35 -36.89 -13.77 6.38
N PHE A 36 -35.64 -13.41 6.08
CA PHE A 36 -34.86 -13.95 4.93
C PHE A 36 -35.67 -13.69 3.66
N SER A 37 -36.23 -12.47 3.56
CA SER A 37 -37.15 -12.00 2.50
C SER A 37 -36.35 -11.31 1.39
N VAL A 38 -36.76 -11.52 0.13
CA VAL A 38 -36.08 -10.96 -1.08
C VAL A 38 -36.40 -9.46 -1.16
N VAL A 39 -35.36 -8.62 -1.13
CA VAL A 39 -35.46 -7.13 -1.12
C VAL A 39 -34.95 -6.60 -2.46
N GLN A 40 -33.79 -7.07 -2.91
CA GLN A 40 -33.15 -6.69 -4.20
C GLN A 40 -32.59 -7.95 -4.88
N ALA A 41 -32.29 -7.86 -6.18
CA ALA A 41 -31.71 -8.95 -7.00
C ALA A 41 -31.16 -8.38 -8.30
N SER A 42 -30.13 -9.04 -8.86
CA SER A 42 -29.58 -8.76 -10.21
C SER A 42 -30.54 -9.32 -11.26
N ASP A 43 -30.65 -8.65 -12.42
CA ASP A 43 -31.59 -9.01 -13.52
C ASP A 43 -31.26 -10.40 -14.04
N ASN A 44 -30.04 -10.90 -13.79
CA ASN A 44 -29.53 -12.20 -14.30
C ASN A 44 -29.69 -13.29 -13.24
N LEU A 45 -30.34 -12.99 -12.11
CA LEU A 45 -30.51 -13.95 -10.99
C LEU A 45 -31.19 -15.22 -11.49
N ALA A 46 -32.37 -15.08 -12.09
CA ALA A 46 -33.20 -16.18 -12.65
C ALA A 46 -32.31 -17.09 -13.52
N ASN A 47 -31.43 -16.50 -14.32
CA ASN A 47 -30.54 -17.21 -15.27
C ASN A 47 -29.63 -18.20 -14.51
N TYR A 48 -29.18 -17.82 -13.30
CA TYR A 48 -28.15 -18.55 -12.52
C TYR A 48 -28.81 -19.63 -11.64
N ILE A 49 -29.76 -19.24 -10.79
CA ILE A 49 -30.38 -20.14 -9.76
C ILE A 49 -31.62 -20.83 -10.33
N GLY A 50 -31.93 -20.59 -11.62
CA GLY A 50 -33.05 -21.23 -12.34
C GLY A 50 -34.36 -21.15 -11.56
N VAL A 51 -34.54 -20.06 -10.81
CA VAL A 51 -35.74 -19.80 -9.95
C VAL A 51 -35.93 -18.29 -9.81
N ASP A 52 -37.03 -17.75 -10.34
CA ASP A 52 -37.35 -16.30 -10.33
C ASP A 52 -37.94 -15.94 -8.96
N LEU A 53 -37.33 -14.97 -8.27
CA LEU A 53 -37.74 -14.50 -6.91
C LEU A 53 -38.35 -13.11 -7.00
N PRO A 54 -39.67 -12.95 -6.77
CA PRO A 54 -40.29 -11.64 -6.70
C PRO A 54 -39.87 -10.91 -5.42
N ILE A 55 -39.77 -9.57 -5.47
CA ILE A 55 -39.38 -8.72 -4.32
C ILE A 55 -40.52 -8.77 -3.29
N GLY A 56 -40.23 -9.25 -2.08
CA GLY A 56 -41.22 -9.48 -1.00
C GLY A 56 -41.35 -10.96 -0.69
N ALA A 57 -41.01 -11.82 -1.65
CA ALA A 57 -41.01 -13.30 -1.51
C ALA A 57 -40.02 -13.72 -0.43
N VAL A 58 -40.38 -14.73 0.36
CA VAL A 58 -39.54 -15.27 1.48
C VAL A 58 -38.79 -16.51 0.97
N ALA A 59 -37.47 -16.54 1.15
CA ALA A 59 -36.57 -17.62 0.69
C ALA A 59 -36.83 -18.90 1.49
N THR A 60 -37.34 -19.94 0.83
CA THR A 60 -37.68 -21.27 1.42
C THR A 60 -36.64 -22.30 0.97
N GLU A 61 -36.78 -23.55 1.46
CA GLU A 61 -35.95 -24.72 1.05
C GLU A 61 -36.15 -24.98 -0.45
N ALA A 62 -37.40 -24.89 -0.91
CA ALA A 62 -37.80 -25.04 -2.34
C ALA A 62 -36.98 -24.09 -3.20
N ASN A 63 -36.93 -22.81 -2.79
CA ASN A 63 -36.16 -21.74 -3.48
C ASN A 63 -34.66 -22.06 -3.41
N LEU A 64 -34.12 -22.12 -2.20
CA LEU A 64 -32.66 -22.28 -1.91
C LEU A 64 -32.44 -23.50 -1.02
N PRO A 65 -31.81 -24.58 -1.53
CA PRO A 65 -31.54 -25.78 -0.73
C PRO A 65 -30.65 -25.53 0.50
N PHE A 66 -29.86 -24.45 0.48
CA PHE A 66 -28.83 -24.11 1.50
C PHE A 66 -29.41 -23.16 2.56
N ILE A 67 -30.71 -22.94 2.55
CA ILE A 67 -31.42 -21.89 3.36
C ILE A 67 -31.20 -22.16 4.85
N SER A 68 -31.18 -23.44 5.26
CA SER A 68 -31.03 -23.88 6.67
C SER A 68 -29.58 -23.67 7.13
N VAL A 69 -28.62 -23.76 6.20
CA VAL A 69 -27.16 -23.56 6.48
C VAL A 69 -26.87 -22.06 6.57
N LEU A 70 -27.49 -21.28 5.69
CA LEU A 70 -27.38 -19.79 5.65
C LEU A 70 -27.98 -19.21 6.93
N SER A 71 -29.14 -19.71 7.34
CA SER A 71 -29.88 -19.29 8.57
C SER A 71 -29.00 -19.54 9.80
N ALA A 72 -28.37 -20.72 9.87
CA ALA A 72 -27.48 -21.13 10.98
C ALA A 72 -26.20 -20.28 10.97
N TRP A 73 -25.71 -19.92 9.78
CA TRP A 73 -24.51 -19.06 9.60
C TRP A 73 -24.79 -17.67 10.18
N TYR A 74 -25.85 -17.00 9.72
CA TYR A 74 -26.21 -15.61 10.08
C TYR A 74 -26.30 -15.48 11.60
N SER A 75 -26.98 -16.43 12.25
CA SER A 75 -27.14 -16.51 13.73
C SER A 75 -25.75 -16.61 14.38
N GLY A 76 -24.80 -17.26 13.72
CA GLY A 76 -23.41 -17.43 14.17
C GLY A 76 -22.64 -16.11 14.14
N ALA A 77 -21.34 -16.15 14.42
CA ALA A 77 -20.44 -14.98 14.53
C ALA A 77 -19.32 -15.04 13.48
N ALA A 78 -19.51 -15.83 12.43
CA ALA A 78 -18.61 -15.92 11.26
C ALA A 78 -18.94 -14.80 10.28
N SER A 79 -17.93 -14.05 9.83
CA SER A 79 -18.07 -12.82 9.01
C SER A 79 -18.70 -13.16 7.65
N ASN A 80 -18.27 -14.26 7.03
CA ASN A 80 -18.64 -14.62 5.63
C ASN A 80 -19.23 -16.03 5.58
N PHE A 81 -20.22 -16.24 4.69
CA PHE A 81 -20.85 -17.53 4.35
C PHE A 81 -20.25 -18.05 3.04
N ARG A 82 -19.94 -19.35 2.97
CA ARG A 82 -19.47 -20.03 1.74
C ARG A 82 -20.10 -21.42 1.67
N TYR A 83 -20.75 -21.75 0.55
CA TYR A 83 -21.49 -23.00 0.30
C TYR A 83 -21.27 -23.46 -1.14
N ALA A 84 -20.98 -24.76 -1.33
CA ALA A 84 -20.78 -25.41 -2.64
C ALA A 84 -22.10 -26.04 -3.11
N TRP A 85 -22.88 -25.29 -3.89
CA TRP A 85 -24.17 -25.75 -4.48
C TRP A 85 -23.88 -26.75 -5.61
N ALA A 86 -23.71 -28.03 -5.26
CA ALA A 86 -23.32 -29.13 -6.17
C ALA A 86 -24.34 -29.25 -7.32
N GLU A 87 -25.63 -29.15 -7.00
CA GLU A 87 -26.76 -29.37 -7.95
C GLU A 87 -26.62 -28.45 -9.17
N LYS A 88 -26.35 -27.16 -8.94
CA LYS A 88 -26.32 -26.10 -9.98
C LYS A 88 -24.88 -25.86 -10.45
N LYS A 89 -23.90 -26.51 -9.82
CA LYS A 89 -22.45 -26.28 -10.05
C LYS A 89 -22.12 -24.81 -9.81
N LEU A 90 -22.58 -24.27 -8.67
CA LEU A 90 -22.38 -22.85 -8.27
C LEU A 90 -21.64 -22.79 -6.93
N ASP A 91 -20.76 -21.80 -6.78
CA ASP A 91 -20.14 -21.41 -5.49
C ASP A 91 -20.98 -20.26 -4.89
N VAL A 92 -21.62 -20.51 -3.75
CA VAL A 92 -22.48 -19.53 -3.04
C VAL A 92 -21.67 -18.90 -1.90
N SER A 93 -21.67 -17.57 -1.81
CA SER A 93 -21.04 -16.76 -0.74
C SER A 93 -21.98 -15.65 -0.30
N ALA A 94 -21.84 -15.15 0.93
CA ALA A 94 -22.67 -14.08 1.51
C ALA A 94 -21.93 -13.37 2.64
N HIS A 95 -22.25 -12.10 2.86
CA HIS A 95 -21.72 -11.26 3.98
C HIS A 95 -22.88 -10.45 4.59
N ARG A 96 -22.67 -9.90 5.78
CA ARG A 96 -23.67 -9.07 6.52
C ARG A 96 -23.44 -7.60 6.16
N SER A 97 -24.52 -6.89 5.81
CA SER A 97 -24.52 -5.43 5.51
C SER A 97 -25.68 -4.77 6.26
N GLY A 98 -25.44 -4.35 7.51
CA GLY A 98 -26.47 -3.84 8.43
C GLY A 98 -27.44 -4.94 8.83
N THR A 99 -28.72 -4.79 8.46
CA THR A 99 -29.81 -5.78 8.71
C THR A 99 -30.00 -6.67 7.48
N LEU A 100 -29.12 -6.54 6.48
CA LEU A 100 -29.24 -7.25 5.18
C LEU A 100 -28.22 -8.40 5.11
N VAL A 101 -28.54 -9.42 4.31
CA VAL A 101 -27.59 -10.48 3.86
C VAL A 101 -27.42 -10.34 2.34
N ILE A 102 -26.24 -9.88 1.89
CA ILE A 102 -25.88 -9.77 0.46
C ILE A 102 -25.31 -11.12 0.01
N LEU A 103 -26.10 -11.90 -0.73
CA LEU A 103 -25.75 -13.26 -1.20
C LEU A 103 -25.34 -13.20 -2.68
N GLU A 104 -24.22 -13.83 -3.03
CA GLU A 104 -23.65 -13.84 -4.40
C GLU A 104 -23.40 -15.29 -4.83
N VAL A 105 -23.69 -15.60 -6.10
CA VAL A 105 -23.47 -16.94 -6.73
C VAL A 105 -22.59 -16.78 -7.96
N GLU A 106 -21.67 -17.73 -8.17
CA GLU A 106 -20.77 -17.80 -9.36
C GLU A 106 -20.48 -19.27 -9.67
N LYS A 107 -20.08 -19.57 -10.91
CA LYS A 107 -19.77 -20.94 -11.38
C LYS A 107 -18.68 -21.53 -10.49
N ALA A 108 -18.86 -22.78 -10.04
CA ALA A 108 -17.95 -23.50 -9.12
C ALA A 108 -16.61 -23.74 -9.80
N GLY A 109 -15.55 -23.96 -9.00
CA GLY A 109 -14.20 -24.28 -9.49
C GLY A 109 -14.20 -25.53 -10.36
N VAL A 110 -13.94 -25.36 -11.66
CA VAL A 110 -14.04 -26.44 -12.69
C VAL A 110 -12.76 -27.29 -12.65
N GLY A 111 -12.59 -28.11 -11.61
CA GLY A 111 -11.49 -29.07 -11.47
C GLY A 111 -10.26 -28.45 -10.83
N GLU A 112 -10.08 -28.67 -9.52
CA GLU A 112 -8.91 -28.20 -8.72
C GLU A 112 -9.02 -28.76 -7.31
N SER A 113 -8.10 -29.66 -6.93
CA SER A 113 -8.02 -30.29 -5.59
C SER A 113 -7.56 -29.26 -4.56
N ALA A 114 -8.03 -29.39 -3.31
CA ALA A 114 -7.66 -28.52 -2.17
C ALA A 114 -6.17 -28.72 -1.85
N GLU A 115 -5.67 -29.94 -2.00
CA GLU A 115 -4.25 -30.31 -1.78
C GLU A 115 -3.38 -29.71 -2.90
N LYS A 116 -3.99 -29.39 -4.04
CA LYS A 116 -3.34 -28.65 -5.16
C LYS A 116 -2.99 -27.23 -4.68
N LEU A 117 -3.90 -26.60 -3.94
CA LEU A 117 -3.73 -25.25 -3.32
C LEU A 117 -2.94 -25.40 -2.01
N MET A 118 -3.45 -26.23 -1.10
CA MET A 118 -2.85 -26.54 0.22
C MET A 118 -1.35 -26.87 0.04
N GLY A 119 -1.05 -27.78 -0.90
CA GLY A 119 0.32 -28.27 -1.16
C GLY A 119 1.24 -27.17 -1.68
N GLU A 120 0.73 -26.28 -2.54
CA GLU A 120 1.51 -25.21 -3.21
C GLU A 120 1.62 -24.00 -2.27
N LEU A 121 0.71 -23.89 -1.30
CA LEU A 121 0.68 -22.80 -0.29
C LEU A 121 1.73 -23.06 0.79
N THR A 122 1.79 -24.30 1.29
CA THR A 122 2.74 -24.77 2.34
C THR A 122 4.18 -24.47 1.90
N SER A 123 4.46 -24.64 0.60
CA SER A 123 5.81 -24.45 -0.01
C SER A 123 6.30 -23.01 0.20
N LEU A 124 5.38 -22.07 0.43
CA LEU A 124 5.69 -20.63 0.63
C LEU A 124 5.68 -20.29 2.12
N ALA A 125 4.71 -20.84 2.87
CA ALA A 125 4.56 -20.64 4.33
C ALA A 125 5.78 -21.23 5.06
N LYS A 126 6.29 -22.37 4.56
CA LYS A 126 7.50 -23.04 5.08
C LYS A 126 8.74 -22.23 4.69
N TYR A 127 8.76 -21.69 3.47
CA TYR A 127 9.88 -20.92 2.88
C TYR A 127 10.15 -19.65 3.70
N LEU A 128 9.08 -18.94 4.08
CA LEU A 128 9.16 -17.57 4.64
C LEU A 128 8.67 -17.53 6.10
N ASN A 129 9.06 -18.53 6.89
CA ASN A 129 9.03 -18.46 8.39
C ASN A 129 10.47 -18.68 8.90
N SER A 130 11.33 -19.23 8.05
CA SER A 130 12.81 -19.21 8.20
C SER A 130 13.29 -17.74 8.20
N ALA A 131 12.45 -16.84 7.68
CA ALA A 131 12.59 -15.37 7.73
C ALA A 131 13.77 -14.92 6.86
N PRO A 132 13.76 -15.23 5.55
CA PRO A 132 14.82 -14.78 4.65
C PRO A 132 14.64 -13.33 4.17
N SER A 133 15.37 -12.95 3.12
CA SER A 133 15.30 -11.62 2.45
C SER A 133 13.86 -11.36 1.96
N LEU A 134 13.45 -10.09 1.95
CA LEU A 134 12.09 -9.65 1.51
C LEU A 134 11.94 -9.89 0.00
N GLU A 135 12.81 -9.28 -0.81
CA GLU A 135 12.81 -9.41 -2.29
C GLU A 135 12.48 -10.86 -2.66
N ASP A 136 13.22 -11.81 -2.09
CA ASP A 136 13.06 -13.28 -2.36
C ASP A 136 11.68 -13.74 -1.88
N ALA A 137 11.24 -13.25 -0.71
CA ALA A 137 9.92 -13.55 -0.12
C ALA A 137 8.80 -12.98 -1.01
N LEU A 138 8.99 -11.76 -1.53
CA LEU A 138 8.06 -11.09 -2.47
C LEU A 138 7.91 -11.94 -3.74
N PHE A 139 9.03 -12.31 -4.35
CA PHE A 139 9.09 -13.09 -5.63
C PHE A 139 8.41 -14.45 -5.43
N ARG A 140 8.73 -15.14 -4.33
CA ARG A 140 8.16 -16.48 -3.97
C ARG A 140 6.63 -16.36 -3.87
N THR A 141 6.14 -15.27 -3.27
CA THR A 141 4.69 -14.96 -3.11
C THR A 141 4.06 -14.73 -4.49
N ALA A 142 4.69 -13.90 -5.32
CA ALA A 142 4.26 -13.56 -6.69
C ALA A 142 4.24 -14.84 -7.54
N GLN A 143 5.26 -15.67 -7.40
CA GLN A 143 5.47 -16.90 -8.23
C GLN A 143 4.41 -17.95 -7.88
N LEU A 144 3.93 -17.98 -6.63
CA LEU A 144 2.84 -18.89 -6.19
C LEU A 144 1.53 -18.47 -6.84
N VAL A 145 1.08 -17.24 -6.56
CA VAL A 145 -0.18 -16.65 -7.10
C VAL A 145 -0.22 -16.89 -8.62
N SER A 146 0.90 -16.62 -9.30
CA SER A 146 1.09 -16.82 -10.76
C SER A 146 0.70 -18.25 -11.16
N SER A 147 1.09 -19.24 -10.35
CA SER A 147 0.89 -20.69 -10.60
C SER A 147 -0.58 -21.07 -10.43
N ILE A 148 -1.16 -20.76 -9.26
CA ILE A 148 -2.55 -21.18 -8.87
C ILE A 148 -3.58 -20.34 -9.64
N SER A 149 -3.30 -19.06 -9.86
CA SER A 149 -4.19 -18.11 -10.58
C SER A 149 -4.17 -18.42 -12.08
N GLY A 150 -2.98 -18.65 -12.65
CA GLY A 150 -2.78 -18.97 -14.07
C GLY A 150 -2.84 -17.72 -14.94
N HIS A 151 -2.59 -16.55 -14.36
CA HIS A 151 -2.57 -15.23 -15.04
C HIS A 151 -1.30 -15.13 -15.90
N ASP A 152 -1.31 -14.26 -16.92
CA ASP A 152 -0.18 -14.04 -17.87
C ASP A 152 0.87 -13.15 -17.19
N ARG A 153 0.51 -12.54 -16.05
CA ARG A 153 1.42 -11.66 -15.25
C ARG A 153 0.92 -11.60 -13.81
N THR A 154 1.84 -11.71 -12.85
CA THR A 154 1.59 -11.56 -11.38
C THR A 154 2.73 -10.77 -10.75
N LEU A 155 2.50 -9.48 -10.50
CA LEU A 155 3.51 -8.54 -9.94
C LEU A 155 3.06 -8.09 -8.54
N ILE A 156 4.02 -7.66 -7.72
CA ILE A 156 3.77 -7.09 -6.36
C ILE A 156 4.07 -5.58 -6.40
N TYR A 157 3.10 -4.77 -5.97
CA TYR A 157 3.07 -3.30 -6.15
C TYR A 157 3.18 -2.62 -4.78
N ASP A 158 4.40 -2.26 -4.37
CA ASP A 158 4.72 -1.61 -3.07
C ASP A 158 4.41 -0.11 -3.17
N PHE A 159 3.48 0.38 -2.35
CA PHE A 159 3.09 1.81 -2.28
C PHE A 159 4.19 2.62 -1.59
N GLY A 160 4.50 3.80 -2.15
CA GLY A 160 5.40 4.79 -1.54
C GLY A 160 4.65 5.69 -0.58
N LEU A 161 5.33 6.70 -0.01
CA LEU A 161 4.75 7.65 0.97
C LEU A 161 3.76 8.59 0.26
N ASP A 162 3.98 8.88 -1.03
CA ASP A 162 3.13 9.77 -1.85
C ASP A 162 2.03 8.94 -2.53
N TRP A 163 2.02 7.63 -2.30
CA TRP A 163 0.99 6.66 -2.78
C TRP A 163 1.18 6.38 -4.28
N SER A 164 2.29 6.82 -4.85
CA SER A 164 2.87 6.26 -6.09
C SER A 164 3.41 4.87 -5.76
N GLY A 165 3.42 3.95 -6.74
CA GLY A 165 3.81 2.55 -6.50
C GLY A 165 4.99 2.13 -7.37
N HIS A 166 5.81 1.22 -6.85
CA HIS A 166 7.03 0.67 -7.51
C HIS A 166 6.91 -0.86 -7.56
N VAL A 167 6.97 -1.44 -8.76
CA VAL A 167 6.87 -2.92 -8.99
C VAL A 167 8.17 -3.55 -8.46
N VAL A 168 8.06 -4.42 -7.45
CA VAL A 168 9.20 -4.96 -6.65
C VAL A 168 9.35 -6.47 -6.89
N ALA A 169 8.36 -7.10 -7.55
CA ALA A 169 8.38 -8.52 -7.94
C ALA A 169 7.51 -8.71 -9.19
N GLU A 170 7.75 -9.77 -9.96
CA GLU A 170 7.00 -10.06 -11.21
C GLU A 170 7.17 -11.53 -11.62
N ALA A 171 6.07 -12.17 -11.99
CA ALA A 171 5.99 -13.49 -12.68
C ALA A 171 5.07 -13.34 -13.90
N GLY A 172 5.42 -13.98 -15.02
CA GLY A 172 4.67 -13.83 -16.28
C GLY A 172 4.87 -15.01 -17.22
N SER A 173 3.89 -15.25 -18.09
CA SER A 173 3.92 -16.28 -19.18
C SER A 173 4.74 -15.75 -20.36
N GLY A 174 4.86 -14.41 -20.47
CA GLY A 174 5.56 -13.72 -21.58
C GLY A 174 4.57 -13.08 -22.53
N ALA A 175 3.27 -13.35 -22.35
CA ALA A 175 2.16 -12.84 -23.18
C ALA A 175 1.94 -11.34 -22.91
N LEU A 176 2.30 -10.87 -21.72
CA LEU A 176 2.10 -9.47 -21.28
C LEU A 176 3.45 -8.80 -21.02
N PRO A 177 3.59 -7.49 -21.31
CA PRO A 177 4.82 -6.74 -21.04
C PRO A 177 5.27 -6.85 -19.57
N SER A 178 6.58 -6.89 -19.35
CA SER A 178 7.22 -6.92 -18.01
C SER A 178 7.34 -5.48 -17.47
N TYR A 179 6.84 -5.25 -16.25
CA TYR A 179 6.80 -3.92 -15.59
C TYR A 179 7.73 -3.89 -14.36
N LEU A 180 8.49 -4.96 -14.10
CA LEU A 180 9.36 -5.06 -12.90
C LEU A 180 10.28 -3.84 -12.84
N GLY A 181 10.30 -3.15 -11.68
CA GLY A 181 11.16 -1.99 -11.42
C GLY A 181 10.54 -0.68 -11.88
N LEU A 182 9.40 -0.74 -12.58
CA LEU A 182 8.66 0.45 -13.08
C LEU A 182 7.92 1.11 -11.90
N ARG A 183 7.78 2.43 -11.96
CA ARG A 183 7.02 3.25 -10.99
C ARG A 183 5.77 3.82 -11.67
N PHE A 184 4.63 3.81 -10.98
CA PHE A 184 3.32 4.28 -11.50
C PHE A 184 2.80 5.40 -10.61
N PRO A 185 2.08 6.40 -11.17
CA PRO A 185 1.58 7.52 -10.39
C PRO A 185 0.49 7.12 -9.39
N ALA A 186 0.21 8.00 -8.42
CA ALA A 186 -0.78 7.80 -7.34
C ALA A 186 -2.20 7.77 -7.92
N GLY A 187 -2.42 8.50 -9.02
CA GLY A 187 -3.75 8.66 -9.66
C GLY A 187 -4.23 7.38 -10.32
N ASP A 188 -3.35 6.39 -10.49
CA ASP A 188 -3.67 5.06 -11.09
C ASP A 188 -4.59 4.30 -10.14
N ILE A 189 -4.47 4.54 -8.83
CA ILE A 189 -5.36 3.98 -7.77
C ILE A 189 -5.77 5.12 -6.84
N PRO A 190 -6.84 5.87 -7.17
CA PRO A 190 -7.25 7.04 -6.37
C PRO A 190 -7.63 6.70 -4.94
N PRO A 191 -7.64 7.71 -4.04
CA PRO A 191 -7.83 7.48 -2.60
C PRO A 191 -8.99 6.55 -2.20
N GLN A 192 -10.21 6.84 -2.66
CA GLN A 192 -11.44 6.10 -2.24
C GLN A 192 -11.30 4.63 -2.66
N ALA A 193 -10.57 4.35 -3.75
CA ALA A 193 -10.23 2.99 -4.21
C ALA A 193 -9.24 2.35 -3.24
N ARG A 194 -8.20 3.09 -2.84
CA ARG A 194 -7.17 2.64 -1.86
C ARG A 194 -7.85 2.32 -0.52
N GLN A 195 -8.80 3.16 -0.11
CA GLN A 195 -9.53 3.01 1.19
C GLN A 195 -10.38 1.73 1.15
N LEU A 196 -11.09 1.49 0.05
CA LEU A 196 -11.96 0.28 -0.14
C LEU A 196 -11.08 -0.98 -0.13
N TYR A 197 -9.89 -0.91 -0.73
CA TYR A 197 -8.96 -2.06 -0.89
C TYR A 197 -8.28 -2.37 0.44
N THR A 198 -8.35 -1.44 1.40
CA THR A 198 -7.80 -1.59 2.78
C THR A 198 -8.70 -2.54 3.59
N ILE A 199 -10.02 -2.46 3.40
CA ILE A 199 -11.04 -3.23 4.18
C ILE A 199 -11.52 -4.43 3.34
N ASN A 200 -11.65 -4.25 2.02
CA ASN A 200 -11.99 -5.34 1.06
C ASN A 200 -10.72 -5.73 0.31
N ARG A 201 -10.14 -6.89 0.65
CA ARG A 201 -8.76 -7.29 0.28
C ARG A 201 -8.73 -8.04 -1.06
N LEU A 202 -9.90 -8.30 -1.68
CA LEU A 202 -10.00 -9.07 -2.95
C LEU A 202 -10.84 -8.29 -3.97
N ARG A 203 -10.55 -8.51 -5.26
CA ARG A 203 -11.32 -8.00 -6.42
C ARG A 203 -10.87 -8.74 -7.68
N MET A 204 -11.80 -9.00 -8.60
CA MET A 204 -11.55 -9.76 -9.86
C MET A 204 -12.41 -9.18 -10.99
N ILE A 205 -11.79 -8.96 -12.16
CA ILE A 205 -12.46 -8.52 -13.43
C ILE A 205 -12.12 -9.53 -14.52
N PRO A 206 -12.87 -10.66 -14.61
CA PRO A 206 -12.56 -11.72 -15.57
C PRO A 206 -12.61 -11.28 -17.05
N ASP A 207 -13.40 -10.25 -17.37
CA ASP A 207 -13.58 -9.72 -18.74
C ASP A 207 -13.77 -8.20 -18.67
N VAL A 208 -12.87 -7.44 -19.31
CA VAL A 208 -12.83 -5.95 -19.27
C VAL A 208 -14.07 -5.37 -19.97
N ASP A 209 -14.61 -6.10 -20.96
CA ASP A 209 -15.77 -5.65 -21.79
C ASP A 209 -17.03 -6.43 -21.38
N TYR A 210 -17.22 -6.65 -20.07
CA TYR A 210 -18.47 -7.19 -19.49
C TYR A 210 -19.55 -6.12 -19.59
N LYS A 211 -20.80 -6.52 -19.85
CA LYS A 211 -21.99 -5.61 -19.86
C LYS A 211 -22.61 -5.62 -18.48
N PRO A 212 -22.50 -4.52 -17.70
CA PRO A 212 -23.01 -4.48 -16.32
C PRO A 212 -24.46 -4.96 -16.20
N VAL A 213 -24.71 -5.88 -15.27
CA VAL A 213 -26.08 -6.41 -14.94
C VAL A 213 -26.67 -5.53 -13.84
N PRO A 214 -27.74 -4.76 -14.12
CA PRO A 214 -28.37 -3.91 -13.11
C PRO A 214 -28.90 -4.71 -11.90
N ILE A 215 -28.95 -4.08 -10.73
CA ILE A 215 -29.60 -4.59 -9.50
C ILE A 215 -30.89 -3.80 -9.28
N ARG A 216 -32.02 -4.50 -9.15
CA ARG A 216 -33.37 -3.89 -8.97
C ARG A 216 -34.08 -4.52 -7.78
N PRO A 217 -34.89 -3.75 -7.03
CA PRO A 217 -35.08 -2.32 -7.29
C PRO A 217 -33.87 -1.48 -6.86
N GLU A 218 -33.60 -0.39 -7.59
CA GLU A 218 -32.46 0.54 -7.33
C GLU A 218 -32.44 0.92 -5.86
N VAL A 219 -33.60 1.23 -5.29
CA VAL A 219 -33.78 1.62 -3.86
C VAL A 219 -34.17 0.37 -3.05
N ASN A 220 -33.38 0.06 -2.01
CA ASN A 220 -33.64 -1.06 -1.06
C ASN A 220 -34.78 -0.65 -0.12
N ALA A 221 -35.84 -1.46 -0.07
CA ALA A 221 -37.10 -1.18 0.66
C ALA A 221 -36.85 -1.18 2.18
N GLU A 222 -35.88 -1.97 2.64
CA GLU A 222 -35.54 -2.13 4.09
C GLU A 222 -34.86 -0.85 4.61
N THR A 223 -33.92 -0.29 3.85
CA THR A 223 -33.03 0.83 4.26
C THR A 223 -33.52 2.15 3.66
N GLY A 224 -34.24 2.09 2.53
CA GLY A 224 -34.65 3.27 1.75
C GLY A 224 -33.47 3.91 1.05
N ALA A 225 -32.41 3.13 0.81
CA ALA A 225 -31.13 3.59 0.22
C ALA A 225 -30.70 2.62 -0.89
N VAL A 226 -29.73 3.04 -1.71
CA VAL A 226 -29.03 2.15 -2.69
C VAL A 226 -28.18 1.17 -1.90
N LEU A 227 -27.84 0.02 -2.50
CA LEU A 227 -27.09 -1.09 -1.85
C LEU A 227 -25.62 -0.69 -1.67
N ASP A 228 -25.09 -0.82 -0.45
CA ASP A 228 -23.64 -0.69 -0.15
C ASP A 228 -22.94 -1.97 -0.65
N MET A 229 -22.22 -1.87 -1.76
CA MET A 229 -21.59 -3.03 -2.45
C MET A 229 -20.08 -3.03 -2.16
N SER A 230 -19.67 -2.43 -1.05
CA SER A 230 -18.26 -2.36 -0.57
C SER A 230 -17.65 -3.76 -0.54
N PHE A 231 -18.43 -4.76 -0.09
CA PHE A 231 -17.97 -6.16 0.13
C PHE A 231 -18.64 -7.11 -0.87
N SER A 232 -19.15 -6.56 -1.99
CA SER A 232 -19.69 -7.33 -3.14
C SER A 232 -18.54 -7.75 -4.06
N GLN A 233 -18.33 -9.05 -4.20
CA GLN A 233 -17.25 -9.64 -5.06
C GLN A 233 -17.58 -9.39 -6.53
N LEU A 234 -18.87 -9.30 -6.87
CA LEU A 234 -19.39 -9.16 -8.26
C LEU A 234 -19.54 -7.69 -8.65
N ARG A 235 -19.31 -6.77 -7.70
CA ARG A 235 -19.51 -5.30 -7.88
C ARG A 235 -18.97 -4.86 -9.24
N SER A 236 -19.77 -4.12 -10.00
CA SER A 236 -19.39 -3.47 -11.29
C SER A 236 -18.33 -2.40 -11.00
N VAL A 237 -17.21 -2.43 -11.75
CA VAL A 237 -16.03 -1.55 -11.54
C VAL A 237 -16.29 -0.18 -12.17
N SER A 238 -15.44 0.81 -11.85
CA SER A 238 -15.46 2.18 -12.41
C SER A 238 -15.09 2.14 -13.88
N PRO A 239 -15.93 2.70 -14.79
CA PRO A 239 -15.63 2.72 -16.22
C PRO A 239 -14.23 3.25 -16.57
N VAL A 240 -13.70 4.20 -15.79
CA VAL A 240 -12.39 4.85 -16.06
C VAL A 240 -11.26 3.83 -15.90
N HIS A 241 -11.40 2.87 -14.98
CA HIS A 241 -10.40 1.80 -14.74
C HIS A 241 -10.45 0.75 -15.86
N LEU A 242 -11.66 0.38 -16.31
CA LEU A 242 -11.87 -0.54 -17.46
C LEU A 242 -11.18 0.06 -18.69
N GLU A 243 -11.43 1.35 -18.96
CA GLU A 243 -10.76 2.12 -20.04
C GLU A 243 -9.24 2.07 -19.84
N TYR A 244 -8.79 2.16 -18.59
CA TYR A 244 -7.37 2.04 -18.17
C TYR A 244 -6.84 0.65 -18.56
N MET A 245 -7.57 -0.40 -18.21
CA MET A 245 -7.21 -1.81 -18.48
C MET A 245 -7.12 -2.05 -20.00
N ARG A 246 -8.07 -1.52 -20.76
CA ARG A 246 -8.12 -1.62 -22.25
C ARG A 246 -6.85 -1.01 -22.85
N ASN A 247 -6.40 0.12 -22.30
CA ASN A 247 -5.21 0.87 -22.76
C ASN A 247 -3.93 0.09 -22.42
N MET A 248 -3.93 -0.60 -21.27
CA MET A 248 -2.80 -1.44 -20.80
C MET A 248 -2.75 -2.74 -21.63
N GLY A 249 -3.85 -3.07 -22.30
CA GLY A 249 -3.99 -4.29 -23.11
C GLY A 249 -4.30 -5.51 -22.25
N THR A 250 -5.03 -5.30 -21.15
CA THR A 250 -5.44 -6.34 -20.17
C THR A 250 -6.95 -6.58 -20.29
N ALA A 251 -7.34 -7.77 -20.75
CA ALA A 251 -8.75 -8.20 -20.94
C ALA A 251 -9.32 -8.68 -19.59
N ALA A 252 -8.45 -9.18 -18.70
CA ALA A 252 -8.80 -9.70 -17.36
C ALA A 252 -7.75 -9.25 -16.33
N SER A 253 -8.18 -9.05 -15.09
CA SER A 253 -7.31 -8.66 -13.94
C SER A 253 -7.88 -9.19 -12.63
N MET A 254 -6.98 -9.49 -11.68
CA MET A 254 -7.30 -9.84 -10.28
C MET A 254 -6.20 -9.26 -9.38
N SER A 255 -6.58 -8.60 -8.28
CA SER A 255 -5.64 -7.95 -7.32
C SER A 255 -6.02 -8.28 -5.88
N VAL A 256 -5.02 -8.65 -5.07
CA VAL A 256 -5.15 -8.94 -3.61
C VAL A 256 -4.43 -7.82 -2.84
N SER A 257 -5.05 -7.30 -1.78
CA SER A 257 -4.50 -6.23 -0.91
C SER A 257 -3.52 -6.83 0.10
N ILE A 258 -2.31 -6.28 0.17
CA ILE A 258 -1.29 -6.59 1.22
C ILE A 258 -1.43 -5.52 2.31
N VAL A 259 -2.10 -5.86 3.42
CA VAL A 259 -2.39 -4.93 4.54
C VAL A 259 -1.44 -5.26 5.71
N VAL A 260 -0.56 -4.32 6.06
CA VAL A 260 0.46 -4.46 7.13
C VAL A 260 0.26 -3.34 8.16
N ASN A 261 0.09 -3.71 9.42
CA ASN A 261 -0.08 -2.76 10.56
CA ASN A 261 -0.08 -2.76 10.56
C ASN A 261 -1.29 -1.85 10.30
N GLY A 262 -2.34 -2.40 9.67
CA GLY A 262 -3.63 -1.73 9.46
C GLY A 262 -3.68 -0.87 8.20
N ALA A 263 -2.53 -0.60 7.58
CA ALA A 263 -2.39 0.27 6.38
C ALA A 263 -2.21 -0.59 5.13
N LEU A 264 -2.64 -0.07 3.98
CA LEU A 264 -2.48 -0.72 2.65
C LEU A 264 -1.01 -0.63 2.23
N TRP A 265 -0.25 -1.71 2.42
CA TRP A 265 1.21 -1.79 2.11
C TRP A 265 1.40 -1.84 0.60
N GLY A 266 0.64 -2.70 -0.09
CA GLY A 266 0.74 -2.90 -1.56
C GLY A 266 -0.33 -3.84 -2.08
N LEU A 267 -0.22 -4.21 -3.36
CA LEU A 267 -1.15 -5.14 -4.06
C LEU A 267 -0.36 -6.30 -4.67
N ILE A 268 -0.98 -7.48 -4.76
CA ILE A 268 -0.58 -8.57 -5.70
C ILE A 268 -1.50 -8.46 -6.93
N ALA A 269 -1.07 -7.70 -7.94
CA ALA A 269 -1.86 -7.36 -9.15
C ALA A 269 -1.59 -8.41 -10.24
N CYS A 270 -2.62 -9.19 -10.61
CA CYS A 270 -2.59 -10.21 -11.68
C CYS A 270 -3.38 -9.70 -12.89
N HIS A 271 -2.79 -9.79 -14.08
CA HIS A 271 -3.39 -9.36 -15.38
C HIS A 271 -3.31 -10.51 -16.39
N HIS A 272 -4.17 -10.47 -17.41
CA HIS A 272 -4.31 -11.53 -18.44
C HIS A 272 -4.66 -10.91 -19.80
N ALA A 273 -4.02 -11.39 -20.86
CA ALA A 273 -4.18 -10.92 -22.26
C ALA A 273 -5.63 -11.12 -22.72
N THR A 274 -6.25 -12.23 -22.32
CA THR A 274 -7.63 -12.63 -22.71
C THR A 274 -8.46 -12.87 -21.45
N PRO A 275 -9.82 -12.85 -21.54
CA PRO A 275 -10.68 -13.13 -20.40
C PRO A 275 -10.25 -14.37 -19.59
N HIS A 276 -10.29 -14.28 -18.27
CA HIS A 276 -9.77 -15.29 -17.32
C HIS A 276 -10.40 -15.09 -15.93
N SER A 277 -11.09 -16.11 -15.43
CA SER A 277 -11.75 -16.13 -14.09
C SER A 277 -10.96 -17.04 -13.14
N VAL A 278 -11.14 -16.83 -11.82
CA VAL A 278 -10.47 -17.61 -10.73
C VAL A 278 -11.55 -18.07 -9.75
N SER A 279 -11.48 -19.32 -9.29
CA SER A 279 -12.44 -19.95 -8.35
C SER A 279 -12.43 -19.19 -7.02
N LEU A 280 -13.55 -19.24 -6.28
CA LEU A 280 -13.70 -18.65 -4.92
C LEU A 280 -12.56 -19.16 -4.03
N ALA A 281 -12.25 -20.47 -4.12
CA ALA A 281 -11.22 -21.17 -3.32
C ALA A 281 -9.83 -20.61 -3.64
N VAL A 282 -9.52 -20.46 -4.94
CA VAL A 282 -8.20 -19.97 -5.44
C VAL A 282 -8.04 -18.49 -5.06
N ARG A 283 -9.12 -17.70 -5.16
CA ARG A 283 -9.14 -16.27 -4.78
C ARG A 283 -8.84 -16.14 -3.28
N GLU A 284 -9.44 -17.01 -2.46
CA GLU A 284 -9.23 -17.07 -0.98
C GLU A 284 -7.82 -17.59 -0.69
N ALA A 285 -7.27 -18.43 -1.57
CA ALA A 285 -5.89 -18.98 -1.49
C ALA A 285 -4.87 -17.87 -1.76
N CYS A 286 -5.24 -16.89 -2.60
CA CYS A 286 -4.39 -15.72 -2.97
C CYS A 286 -4.45 -14.65 -1.87
N ASP A 287 -5.65 -14.40 -1.33
CA ASP A 287 -5.89 -13.49 -0.17
C ASP A 287 -5.06 -13.99 1.02
N PHE A 288 -4.82 -15.30 1.07
CA PHE A 288 -4.17 -16.03 2.19
C PHE A 288 -2.65 -15.94 2.06
N ALA A 289 -2.14 -16.02 0.82
CA ALA A 289 -0.71 -15.84 0.48
C ALA A 289 -0.31 -14.38 0.76
N ALA A 290 -1.22 -13.44 0.48
CA ALA A 290 -1.04 -11.99 0.71
C ALA A 290 -0.91 -11.71 2.21
N GLN A 291 -1.62 -12.49 3.04
CA GLN A 291 -1.58 -12.39 4.52
C GLN A 291 -0.27 -12.98 5.05
N LEU A 292 0.19 -14.08 4.46
CA LEU A 292 1.51 -14.72 4.80
C LEU A 292 2.63 -13.71 4.54
N LEU A 293 2.66 -13.14 3.33
CA LEU A 293 3.62 -12.07 2.93
C LEU A 293 3.49 -10.89 3.90
N SER A 294 2.26 -10.47 4.19
CA SER A 294 1.91 -9.36 5.11
C SER A 294 2.51 -9.63 6.51
N MET A 295 2.32 -10.83 7.03
CA MET A 295 2.83 -11.25 8.38
C MET A 295 4.34 -11.07 8.42
N ARG A 296 5.02 -11.32 7.30
CA ARG A 296 6.51 -11.30 7.20
C ARG A 296 7.02 -9.86 7.08
N ILE A 297 6.41 -9.06 6.19
CA ILE A 297 6.80 -7.63 5.96
C ILE A 297 6.82 -6.91 7.31
N ALA A 298 5.78 -7.13 8.13
CA ALA A 298 5.60 -6.52 9.48
C ALA A 298 6.80 -6.87 10.38
N MET A 299 7.22 -8.13 10.37
CA MET A 299 8.27 -8.67 11.26
CA MET A 299 8.28 -8.66 11.27
C MET A 299 9.65 -8.10 10.86
N GLU A 300 9.97 -8.14 9.57
CA GLU A 300 11.28 -7.65 9.05
C GLU A 300 11.38 -6.13 9.29
N GLN A 301 10.31 -5.39 9.01
CA GLN A 301 10.20 -3.94 9.32
C GLN A 301 10.44 -3.73 10.81
N SER A 302 9.77 -4.53 11.65
CA SER A 302 9.81 -4.47 13.14
C SER A 302 11.23 -4.75 13.63
N SER A 303 11.91 -5.73 13.05
CA SER A 303 13.26 -6.22 13.46
C SER A 303 14.35 -5.27 12.93
N GLN A 304 14.24 -4.84 11.67
CA GLN A 304 15.19 -3.89 11.02
C GLN A 304 15.16 -2.56 11.77
N ASP A 305 13.96 -2.10 12.16
CA ASP A 305 13.75 -0.86 12.94
C ASP A 305 14.38 -1.02 14.33
N ALA A 306 14.19 -2.19 14.96
CA ALA A 306 14.72 -2.55 16.30
C ALA A 306 16.26 -2.53 16.25
N SER A 307 16.85 -3.20 15.26
CA SER A 307 18.31 -3.32 15.04
C SER A 307 18.93 -1.94 14.86
N ARG A 308 18.23 -1.05 14.14
CA ARG A 308 18.71 0.33 13.81
C ARG A 308 18.74 1.18 15.09
N ARG A 309 17.67 1.10 15.90
CA ARG A 309 17.52 1.88 17.17
C ARG A 309 18.58 1.43 18.17
N VAL A 310 18.92 0.15 18.18
CA VAL A 310 20.01 -0.44 19.04
C VAL A 310 21.35 0.15 18.58
N GLU A 311 21.61 0.12 17.27
CA GLU A 311 22.87 0.59 16.63
C GLU A 311 23.08 2.08 16.95
N LEU A 312 22.04 2.91 16.74
CA LEU A 312 22.07 4.37 17.00
C LEU A 312 22.08 4.61 18.52
N GLY A 313 21.51 3.68 19.29
CA GLY A 313 21.50 3.72 20.77
C GLY A 313 22.91 3.69 21.34
N HIS A 314 23.77 2.83 20.78
CA HIS A 314 25.21 2.71 21.15
C HIS A 314 25.93 4.02 20.86
N ILE A 315 25.66 4.63 19.70
CA ILE A 315 26.29 5.90 19.23
C ILE A 315 25.86 7.05 20.15
N GLN A 316 24.56 7.16 20.44
CA GLN A 316 23.98 8.22 21.32
C GLN A 316 24.63 8.14 22.71
N ALA A 317 24.74 6.94 23.27
CA ALA A 317 25.31 6.66 24.61
C ALA A 317 26.71 7.30 24.71
N ARG A 318 27.56 7.06 23.71
CA ARG A 318 28.96 7.55 23.66
C ARG A 318 28.97 9.09 23.62
N LEU A 319 28.10 9.68 22.81
CA LEU A 319 28.00 11.16 22.62
C LEU A 319 27.52 11.82 23.92
N LEU A 320 26.43 11.31 24.49
CA LEU A 320 25.75 11.89 25.69
C LEU A 320 26.72 11.96 26.88
N LYS A 321 27.50 10.90 27.11
CA LYS A 321 28.46 10.80 28.24
C LYS A 321 29.77 11.50 27.84
N GLY A 322 30.02 11.64 26.55
CA GLY A 322 31.15 12.42 25.99
C GLY A 322 30.99 13.91 26.26
N MET A 323 29.75 14.41 26.11
CA MET A 323 29.39 15.83 26.39
C MET A 323 29.44 16.08 27.89
N ALA A 324 29.09 15.06 28.70
CA ALA A 324 29.11 15.10 30.18
C ALA A 324 30.44 14.51 30.69
N TRP A 329 31.65 21.07 26.44
CA TRP A 329 30.79 19.88 26.14
C TRP A 329 30.81 19.59 24.64
N VAL A 330 30.87 20.62 23.80
CA VAL A 330 30.88 20.52 22.31
C VAL A 330 31.97 19.55 21.87
N ASP A 331 33.00 19.35 22.70
CA ASP A 331 34.13 18.41 22.44
C ASP A 331 33.66 16.96 22.66
N GLY A 332 32.49 16.78 23.27
CA GLY A 332 31.77 15.48 23.33
C GLY A 332 31.29 15.08 21.94
N LEU A 333 31.11 16.07 21.05
CA LEU A 333 30.66 15.89 19.65
C LEU A 333 31.83 16.16 18.69
N LEU A 334 32.75 17.05 19.05
CA LEU A 334 33.83 17.57 18.16
C LEU A 334 35.24 17.26 18.66
N GLY A 335 35.36 16.56 19.79
CA GLY A 335 36.63 16.34 20.51
C GLY A 335 37.76 15.87 19.61
N GLY A 336 37.68 14.62 19.15
CA GLY A 336 38.68 13.99 18.26
C GLY A 336 38.02 13.18 17.16
N GLU A 337 38.72 12.38 16.47
CA GLU A 337 38.26 11.59 15.30
C GLU A 337 37.05 10.74 15.71
N GLY A 338 37.11 10.11 16.88
CA GLY A 338 36.07 9.21 17.41
C GLY A 338 34.76 9.92 17.68
N GLU A 339 34.83 11.08 18.36
CA GLU A 339 33.64 11.89 18.77
C GLU A 339 32.89 12.38 17.52
N ARG A 340 33.63 12.86 16.51
CA ARG A 340 33.08 13.44 15.26
C ARG A 340 32.49 12.33 14.38
N GLU A 341 33.14 11.17 14.34
CA GLU A 341 32.66 9.98 13.60
C GLU A 341 31.28 9.58 14.12
N ASP A 342 31.11 9.58 15.44
CA ASP A 342 29.86 9.21 16.15
C ASP A 342 28.76 10.24 15.84
N LEU A 343 29.13 11.53 15.78
CA LEU A 343 28.19 12.65 15.48
C LEU A 343 27.52 12.39 14.12
N LEU A 344 28.30 12.02 13.11
CA LEU A 344 27.83 11.79 11.71
C LEU A 344 27.01 10.49 11.64
N LYS A 345 27.48 9.42 12.29
CA LYS A 345 26.86 8.08 12.27
C LYS A 345 25.53 8.10 13.04
N GLN A 346 25.35 9.07 13.95
CA GLN A 346 24.16 9.20 14.82
C GLN A 346 22.88 9.17 13.98
N VAL A 347 22.91 9.75 12.78
CA VAL A 347 21.75 9.82 11.84
C VAL A 347 22.16 9.35 10.44
N GLY A 348 23.30 8.64 10.34
CA GLY A 348 23.86 8.17 9.07
C GLY A 348 24.10 9.31 8.10
N ALA A 349 24.73 10.39 8.58
CA ALA A 349 25.06 11.61 7.79
C ALA A 349 26.52 11.56 7.35
N ASP A 350 26.88 12.37 6.35
CA ASP A 350 28.26 12.48 5.80
C ASP A 350 28.91 13.78 6.27
N GLY A 351 28.10 14.74 6.74
CA GLY A 351 28.57 16.04 7.26
C GLY A 351 27.65 16.59 8.33
N ALA A 352 28.12 17.59 9.07
CA ALA A 352 27.36 18.29 10.13
C ALA A 352 27.94 19.69 10.36
N ALA A 353 27.06 20.66 10.63
CA ALA A 353 27.42 22.04 11.03
C ALA A 353 26.83 22.34 12.41
N LEU A 354 27.68 22.47 13.43
CA LEU A 354 27.30 22.92 14.79
C LEU A 354 27.58 24.42 14.90
N VAL A 355 26.54 25.24 14.71
CA VAL A 355 26.62 26.73 14.71
C VAL A 355 26.07 27.24 16.05
N LEU A 356 26.95 27.75 16.92
CA LEU A 356 26.60 28.34 18.23
C LEU A 356 26.93 29.84 18.20
N GLY A 357 25.97 30.66 17.75
CA GLY A 357 26.15 32.11 17.55
C GLY A 357 26.86 32.41 16.25
N ASP A 358 28.08 32.94 16.33
CA ASP A 358 28.95 33.27 15.16
C ASP A 358 30.05 32.21 15.04
N ASP A 359 30.12 31.28 15.98
CA ASP A 359 31.11 30.17 16.02
C ASP A 359 30.60 29.01 15.15
N TYR A 360 31.31 28.71 14.06
CA TYR A 360 30.96 27.63 13.09
C TYR A 360 31.97 26.48 13.23
N GLU A 361 31.46 25.24 13.28
CA GLU A 361 32.26 23.99 13.34
C GLU A 361 31.71 23.01 12.29
N LEU A 362 32.46 22.79 11.21
CA LEU A 362 32.07 21.91 10.08
C LEU A 362 32.77 20.55 10.24
N VAL A 363 31.98 19.47 10.32
CA VAL A 363 32.46 18.07 10.49
C VAL A 363 32.17 17.30 9.19
N GLY A 364 33.13 16.50 8.74
CA GLY A 364 33.02 15.69 7.51
C GLY A 364 32.81 16.56 6.28
N ASN A 365 31.92 16.14 5.37
CA ASN A 365 31.64 16.82 4.08
C ASN A 365 30.43 17.75 4.23
N THR A 366 30.66 19.07 4.22
CA THR A 366 29.63 20.12 4.40
C THR A 366 29.68 21.11 3.25
N PRO A 367 28.60 21.88 3.01
CA PRO A 367 28.67 23.07 2.17
C PRO A 367 29.63 24.09 2.80
N SER A 368 29.95 25.17 2.09
CA SER A 368 30.85 26.26 2.55
C SER A 368 30.23 26.94 3.78
N ARG A 369 31.05 27.62 4.57
CA ARG A 369 30.61 28.38 5.79
C ARG A 369 29.51 29.36 5.38
N GLU A 370 29.69 30.07 4.27
CA GLU A 370 28.74 31.08 3.72
C GLU A 370 27.43 30.41 3.34
N GLN A 371 27.49 29.28 2.61
CA GLN A 371 26.31 28.51 2.14
C GLN A 371 25.47 28.06 3.34
N VAL A 372 26.13 27.53 4.38
CA VAL A 372 25.48 27.08 5.65
C VAL A 372 24.90 28.30 6.37
N GLU A 373 25.62 29.43 6.32
CA GLU A 373 25.23 30.73 6.94
C GLU A 373 23.90 31.20 6.33
N GLU A 374 23.76 31.08 5.00
CA GLU A 374 22.55 31.51 4.23
C GLU A 374 21.40 30.54 4.54
N LEU A 375 21.70 29.26 4.78
CA LEU A 375 20.70 28.20 5.07
C LEU A 375 20.02 28.48 6.42
N ILE A 376 20.81 28.91 7.42
CA ILE A 376 20.32 29.21 8.80
C ILE A 376 19.37 30.41 8.75
N LEU A 377 19.67 31.40 7.90
CA LEU A 377 18.79 32.59 7.67
C LEU A 377 17.46 32.12 7.08
N TRP A 378 17.50 31.23 6.09
CA TRP A 378 16.31 30.68 5.39
C TRP A 378 15.47 29.84 6.36
N LEU A 379 16.11 29.07 7.23
CA LEU A 379 15.45 28.22 8.26
C LEU A 379 14.82 29.10 9.34
N GLY A 380 15.52 30.18 9.74
CA GLY A 380 15.11 31.10 10.82
C GLY A 380 13.78 31.78 10.53
N GLU A 381 13.51 32.09 9.26
CA GLU A 381 12.29 32.83 8.82
C GLU A 381 11.20 31.85 8.36
N ARG A 382 11.32 30.58 8.78
CA ARG A 382 10.29 29.52 8.58
C ARG A 382 9.94 28.91 9.93
N GLU A 383 8.67 28.54 10.13
CA GLU A 383 8.13 27.98 11.40
C GLU A 383 8.73 26.58 11.63
N ILE A 384 10.00 26.53 12.04
CA ILE A 384 10.75 25.27 12.37
C ILE A 384 10.57 25.00 13.88
N ALA A 385 9.64 24.08 14.16
CA ALA A 385 9.25 23.80 15.55
C ALA A 385 10.37 23.14 16.36
N ASP A 386 10.57 21.83 16.16
CA ASP A 386 11.65 21.03 16.83
C ASP A 386 12.79 20.85 15.83
N VAL A 387 12.60 20.02 14.78
CA VAL A 387 13.62 19.69 13.73
C VAL A 387 12.96 19.81 12.36
N PHE A 388 13.73 20.19 11.33
CA PHE A 388 13.32 20.20 9.91
C PHE A 388 14.16 19.19 9.14
N ALA A 389 13.49 18.24 8.46
CA ALA A 389 14.12 17.14 7.69
C ALA A 389 13.59 17.12 6.25
N THR A 390 14.48 16.89 5.28
CA THR A 390 14.17 16.74 3.84
C THR A 390 15.29 15.97 3.15
N ASP A 391 14.95 15.15 2.15
CA ASP A 391 15.92 14.39 1.31
C ASP A 391 16.08 15.12 -0.03
N ASN A 392 15.54 16.34 -0.14
CA ASN A 392 15.60 17.21 -1.35
C ASN A 392 15.47 18.67 -0.92
N LEU A 393 16.58 19.28 -0.49
CA LEU A 393 16.64 20.67 0.04
C LEU A 393 16.35 21.67 -1.08
N ALA A 394 16.74 21.34 -2.32
CA ALA A 394 16.60 22.18 -3.53
C ALA A 394 15.11 22.44 -3.82
N GLY A 395 14.23 21.51 -3.41
CA GLY A 395 12.78 21.54 -3.67
C GLY A 395 12.10 22.73 -3.03
N ASN A 396 12.66 23.23 -1.91
CA ASN A 396 12.07 24.35 -1.11
C ASN A 396 13.05 25.54 -1.09
N TYR A 397 14.35 25.28 -1.24
CA TYR A 397 15.45 26.27 -1.20
C TYR A 397 16.28 26.15 -2.47
N PRO A 398 15.76 26.64 -3.62
CA PRO A 398 16.41 26.44 -4.92
C PRO A 398 17.91 26.75 -4.95
N THR A 399 18.33 27.74 -4.14
CA THR A 399 19.75 28.17 -4.01
C THR A 399 20.65 26.98 -3.65
N ALA A 400 20.09 25.99 -2.94
CA ALA A 400 20.81 24.84 -2.34
C ALA A 400 21.30 23.87 -3.43
N ALA A 401 20.79 24.00 -4.65
CA ALA A 401 21.16 23.17 -5.83
C ALA A 401 22.66 23.34 -6.13
N ALA A 402 23.23 24.49 -5.76
CA ALA A 402 24.66 24.84 -5.96
C ALA A 402 25.55 23.85 -5.20
N TYR A 403 25.09 23.33 -4.06
CA TYR A 403 25.82 22.37 -3.18
C TYR A 403 24.95 21.14 -2.93
N ALA A 404 24.19 20.71 -3.93
CA ALA A 404 23.34 19.50 -3.91
C ALA A 404 24.21 18.27 -3.69
N SER A 405 25.44 18.30 -4.22
CA SER A 405 26.41 17.16 -4.24
C SER A 405 26.88 16.82 -2.81
N VAL A 406 26.85 17.79 -1.89
CA VAL A 406 27.36 17.62 -0.49
C VAL A 406 26.17 17.59 0.49
N ALA A 407 25.11 18.36 0.21
CA ALA A 407 23.94 18.52 1.11
C ALA A 407 22.64 18.53 0.29
N SER A 408 22.27 17.40 -0.30
CA SER A 408 20.97 17.18 -0.99
C SER A 408 19.85 17.01 0.05
N GLY A 409 20.16 16.34 1.17
CA GLY A 409 19.26 16.15 2.31
C GLY A 409 19.89 16.66 3.60
N ILE A 410 19.07 17.19 4.52
CA ILE A 410 19.53 17.74 5.83
C ILE A 410 18.52 17.37 6.93
N ILE A 411 19.01 17.25 8.16
CA ILE A 411 18.23 17.36 9.42
C ILE A 411 18.73 18.60 10.17
N ALA A 412 17.93 19.67 10.19
CA ALA A 412 18.24 20.94 10.88
C ALA A 412 17.40 21.06 12.15
N MET A 413 18.02 21.42 13.27
CA MET A 413 17.34 21.63 14.58
C MET A 413 18.07 22.69 15.40
N ARG A 414 17.37 23.76 15.78
CA ARG A 414 17.90 24.87 16.62
C ARG A 414 18.07 24.37 18.05
N VAL A 415 19.15 24.78 18.72
CA VAL A 415 19.51 24.36 20.11
C VAL A 415 19.42 25.56 21.05
N SER A 416 19.18 26.76 20.52
CA SER A 416 19.06 28.04 21.35
C SER A 416 18.60 29.22 20.48
N GLU A 417 17.30 29.37 20.32
CA GLU A 417 16.62 30.42 19.52
C GLU A 417 17.16 31.80 19.89
N LEU A 418 17.48 32.00 21.19
CA LEU A 418 17.99 33.29 21.74
C LEU A 418 19.39 33.57 21.19
N HIS A 419 20.20 32.52 20.99
CA HIS A 419 21.61 32.60 20.54
C HIS A 419 21.73 32.28 19.05
N GLY A 420 20.61 31.87 18.41
CA GLY A 420 20.56 31.47 17.00
C GLY A 420 21.46 30.29 16.71
N SER A 421 21.45 29.30 17.61
CA SER A 421 22.30 28.08 17.55
C SER A 421 21.56 26.96 16.78
N TRP A 422 22.31 26.19 15.97
CA TRP A 422 21.76 25.09 15.12
C TRP A 422 22.73 23.91 15.09
N LEU A 423 22.19 22.69 15.03
CA LEU A 423 22.92 21.46 14.62
C LEU A 423 22.27 20.91 13.34
N ILE A 424 22.98 20.97 12.22
CA ILE A 424 22.47 20.53 10.88
C ILE A 424 23.34 19.37 10.39
N TRP A 425 22.70 18.25 10.01
CA TRP A 425 23.36 17.10 9.35
C TRP A 425 23.16 17.20 7.84
N PHE A 426 24.15 16.77 7.05
CA PHE A 426 24.15 16.84 5.57
C PHE A 426 24.31 15.44 4.98
N ARG A 427 23.53 15.15 3.93
CA ARG A 427 23.62 13.91 3.12
C ARG A 427 23.85 14.28 1.66
N PRO A 428 24.81 13.62 0.97
CA PRO A 428 25.12 13.96 -0.42
C PRO A 428 24.03 13.51 -1.40
N GLU A 429 24.05 14.08 -2.61
CA GLU A 429 23.16 13.69 -3.73
C GLU A 429 23.42 12.22 -4.09
N VAL A 430 22.35 11.41 -4.13
CA VAL A 430 22.39 10.02 -4.68
C VAL A 430 21.54 10.00 -5.96
N ILE A 431 22.21 10.05 -7.12
CA ILE A 431 21.55 10.07 -8.46
C ILE A 431 21.04 8.67 -8.78
N LYS A 432 19.78 8.56 -9.22
CA LYS A 432 19.18 7.30 -9.73
C LYS A 432 18.16 7.65 -10.82
N THR A 433 18.03 6.78 -11.83
CA THR A 433 17.05 6.90 -12.94
C THR A 433 15.75 6.19 -12.52
N VAL A 434 14.65 6.94 -12.42
CA VAL A 434 13.31 6.41 -12.04
C VAL A 434 12.59 5.97 -13.32
N ARG A 435 12.45 4.65 -13.51
CA ARG A 435 11.66 4.03 -14.60
C ARG A 435 10.17 4.19 -14.27
N TRP A 436 9.44 4.98 -15.07
CA TRP A 436 7.98 5.20 -14.93
C TRP A 436 7.22 4.38 -15.98
N GLY A 437 6.15 3.69 -15.57
CA GLY A 437 5.23 2.97 -16.47
C GLY A 437 4.36 3.93 -17.26
N GLY A 438 4.97 4.71 -18.16
CA GLY A 438 4.32 5.79 -18.92
C GLY A 438 4.64 7.16 -18.33
N ASP A 439 4.12 8.22 -18.95
CA ASP A 439 4.35 9.63 -18.53
C ASP A 439 3.43 9.97 -17.36
N PRO A 440 3.97 10.18 -16.14
CA PRO A 440 3.16 10.45 -14.95
C PRO A 440 2.27 11.70 -15.07
N HIS A 441 2.88 12.85 -15.32
CA HIS A 441 2.23 14.21 -15.26
C HIS A 441 1.03 14.25 -16.21
N LYS A 442 1.21 13.84 -17.46
CA LYS A 442 0.17 13.87 -18.53
C LYS A 442 -1.12 13.19 -18.01
N ARG A 449 -13.94 15.55 -16.94
CA ARG A 449 -13.70 14.09 -16.79
C ARG A 449 -12.28 13.75 -17.25
N ILE A 450 -11.49 13.12 -16.38
CA ILE A 450 -10.08 12.72 -16.64
C ILE A 450 -10.05 11.28 -17.19
N HIS A 451 -9.18 11.03 -18.17
CA HIS A 451 -9.01 9.71 -18.84
C HIS A 451 -7.60 9.19 -18.59
N PRO A 452 -7.38 7.85 -18.59
CA PRO A 452 -6.05 7.28 -18.44
C PRO A 452 -5.16 7.52 -19.67
N ARG A 453 -3.84 7.65 -19.46
CA ARG A 453 -2.82 7.74 -20.53
C ARG A 453 -2.88 6.48 -21.40
N LYS A 454 -2.63 6.62 -22.71
CA LYS A 454 -2.74 5.54 -23.71
C LYS A 454 -1.44 4.72 -23.73
N SER A 455 -0.31 5.34 -23.38
CA SER A 455 1.05 4.75 -23.46
C SER A 455 1.57 4.41 -22.05
N PHE A 456 2.16 3.22 -21.90
CA PHE A 456 2.81 2.74 -20.65
C PHE A 456 4.25 2.32 -20.95
N GLU A 457 4.90 2.95 -21.94
CA GLU A 457 6.31 2.71 -22.35
C GLU A 457 7.24 3.26 -21.25
N ILE A 458 8.26 2.47 -20.87
CA ILE A 458 9.29 2.84 -19.85
C ILE A 458 9.56 4.31 -20.13
N TRP A 459 9.27 5.18 -19.16
CA TRP A 459 9.49 6.66 -19.19
C TRP A 459 10.52 7.01 -18.10
N LYS A 460 11.69 7.47 -18.52
CA LYS A 460 12.87 7.66 -17.64
C LYS A 460 13.03 9.15 -17.29
N GLU A 461 13.31 9.44 -16.02
CA GLU A 461 13.70 10.78 -15.51
C GLU A 461 14.89 10.62 -14.57
N GLN A 462 15.92 11.46 -14.72
CA GLN A 462 17.10 11.53 -13.82
C GLN A 462 16.72 12.35 -12.58
N LEU A 463 16.44 11.68 -11.46
CA LEU A 463 16.12 12.36 -10.18
C LEU A 463 17.42 12.87 -9.55
N ARG A 464 17.63 14.19 -9.61
CA ARG A 464 18.84 14.90 -9.10
C ARG A 464 18.50 15.57 -7.77
N ASN A 465 19.54 15.97 -7.02
CA ASN A 465 19.43 16.85 -5.81
C ASN A 465 18.64 16.13 -4.71
N THR A 466 18.60 14.79 -4.73
CA THR A 466 17.87 13.95 -3.75
C THR A 466 18.85 12.96 -3.10
N SER A 467 18.81 12.85 -1.77
CA SER A 467 19.69 11.98 -0.95
C SER A 467 18.91 10.72 -0.53
N PHE A 468 19.58 9.78 0.13
CA PHE A 468 18.94 8.60 0.78
CA PHE A 468 18.94 8.60 0.78
C PHE A 468 17.96 9.11 1.83
N PRO A 469 16.73 8.53 1.90
CA PRO A 469 15.70 9.06 2.80
C PRO A 469 16.07 8.90 4.28
N TRP A 470 15.65 9.86 5.11
CA TRP A 470 15.84 9.85 6.58
C TRP A 470 14.85 8.85 7.20
N SER A 471 15.37 7.81 7.86
CA SER A 471 14.55 6.77 8.56
C SER A 471 14.01 7.36 9.87
N GLU A 472 12.98 6.72 10.44
CA GLU A 472 12.31 7.17 11.69
C GLU A 472 13.29 7.02 12.86
N PRO A 473 14.03 5.89 12.96
CA PRO A 473 15.08 5.74 13.97
C PRO A 473 16.08 6.90 13.96
N GLU A 474 16.43 7.38 12.76
CA GLU A 474 17.41 8.48 12.55
C GLU A 474 16.80 9.81 13.02
N LEU A 475 15.54 10.07 12.67
CA LEU A 475 14.79 11.29 13.10
C LEU A 475 14.59 11.25 14.62
N ALA A 476 14.33 10.07 15.17
CA ALA A 476 14.16 9.83 16.63
C ALA A 476 15.48 10.12 17.35
N ALA A 477 16.60 9.61 16.82
CA ALA A 477 17.97 9.79 17.35
C ALA A 477 18.33 11.28 17.32
N ALA A 478 17.92 11.99 16.28
CA ALA A 478 18.16 13.44 16.07
C ALA A 478 17.43 14.24 17.15
N ARG A 479 16.13 14.00 17.31
CA ARG A 479 15.25 14.72 18.28
C ARG A 479 15.73 14.44 19.71
N GLU A 480 16.31 13.27 19.96
CA GLU A 480 16.80 12.83 21.30
C GLU A 480 18.10 13.58 21.63
N LEU A 481 19.02 13.72 20.68
CA LEU A 481 20.30 14.46 20.86
C LEU A 481 19.99 15.94 21.09
N ARG A 482 18.99 16.47 20.39
CA ARG A 482 18.49 17.87 20.54
C ARG A 482 18.08 18.10 22.01
N GLY A 483 17.32 17.15 22.58
CA GLY A 483 16.81 17.19 23.96
C GLY A 483 17.94 17.18 24.98
N ALA A 484 19.07 16.52 24.66
CA ALA A 484 20.27 16.44 25.52
C ALA A 484 21.04 17.76 25.45
N ILE A 485 21.30 18.26 24.24
CA ILE A 485 22.02 19.54 23.99
C ILE A 485 21.24 20.68 24.64
N ILE A 486 19.99 20.89 24.21
CA ILE A 486 19.01 21.78 24.91
C ILE A 486 18.83 21.22 26.33
N GLY A 487 19.04 22.06 27.36
CA GLY A 487 19.11 21.64 28.77
C GLY A 487 20.52 21.79 29.33
N ILE A 488 21.52 21.39 28.54
CA ILE A 488 22.97 21.68 28.81
C ILE A 488 23.19 23.16 28.56
N VAL A 489 22.88 23.62 27.34
CA VAL A 489 22.93 25.06 26.93
C VAL A 489 22.06 25.87 27.89
N LEU A 490 20.92 25.32 28.30
CA LEU A 490 19.99 25.91 29.29
C LEU A 490 20.68 26.01 30.65
N ARG A 491 21.42 24.96 31.03
CA ARG A 491 22.19 24.87 32.29
C ARG A 491 23.37 25.85 32.24
N LYS A 492 24.13 25.84 31.13
CA LYS A 492 25.33 26.69 30.91
C LYS A 492 24.90 28.17 30.84
N THR A 493 23.73 28.44 30.25
CA THR A 493 23.12 29.79 30.11
C THR A 493 22.11 30.02 31.23
O2A V8U B . -7.35 -4.25 -11.93
C1A V8U B . -7.04 -0.09 -9.93
C2A V8U B . -6.88 -1.54 -9.61
C3A V8U B . -5.47 -1.81 -9.99
C4A V8U B . -4.99 -0.49 -10.50
C1B V8U B . -2.56 -0.96 -11.60
C2B V8U B . -1.18 -0.43 -11.84
C3B V8U B . -0.46 -1.61 -12.38
C4B V8U B . -1.50 -2.67 -12.39
C1C V8U B . -6.00 5.88 -13.66
C2C V8U B . -6.57 7.21 -14.02
C3C V8U B . -7.84 7.17 -13.24
C4C V8U B . -7.86 5.83 -12.57
C1D V8U B . -9.06 3.99 -10.96
C2D V8U B . -10.39 3.69 -10.35
C3D V8U B . -10.21 2.33 -9.82
C4D V8U B . -8.81 1.96 -10.18
O2D V8U B . -14.27 0.17 -9.35
CGD V8U B . -13.09 -0.11 -9.04
O1D V8U B . -12.81 -0.82 -8.05
CBD V8U B . -11.97 0.46 -9.87
CAD V8U B . -11.27 1.54 -9.05
CMD V8U B . -11.62 4.55 -10.26
CHD V8U B . -8.91 5.30 -11.66
CAC V8U B . -8.79 8.32 -13.35
CBC V8U B . -10.03 8.47 -12.54
CMC V8U B . -6.04 8.30 -14.89
OC V8U B . -4.86 5.53 -14.11
NC V8U B . -6.74 5.12 -12.84
ND V8U B . -8.20 2.96 -10.86
CHA V8U B . -8.33 0.62 -9.73
CAA V8U B . -7.86 -2.53 -9.04
CBA V8U B . -8.57 -3.39 -10.08
CGA V8U B . -7.61 -4.37 -10.72
O1A V8U B . -7.11 -5.27 -10.02
CMA V8U B . -4.80 -3.16 -9.84
NA V8U B . -5.93 0.48 -10.41
CHB V8U B . -3.65 -0.12 -11.03
CMB V8U B . -0.63 0.95 -11.59
CAB V8U B . 0.96 -1.67 -12.79
CBB V8U B . 1.52 -2.77 -13.23
OB V8U B . -1.29 -3.88 -12.78
NB V8U B . -2.69 -2.26 -11.94
MG MG C . 6.16 1.22 0.95
#